data_4Y7R
#
_entry.id   4Y7R
#
_cell.length_a   80.762
_cell.length_b   87.177
_cell.length_c   44.914
_cell.angle_alpha   90.00
_cell.angle_beta   90.00
_cell.angle_gamma   90.00
#
_symmetry.space_group_name_H-M   'P 21 21 2'
#
loop_
_entity.id
_entity.type
_entity.pdbx_description
1 polymer 'WD repeat-containing protein 5'
2 polymer 'MYC MbIIIb peptide'
3 non-polymer 2-AMINO-2-HYDROXYMETHYL-PROPANE-1,3-DIOL
4 non-polymer 1,2-ETHANEDIOL
5 water water
#
loop_
_entity_poly.entity_id
_entity_poly.type
_entity_poly.pdbx_seq_one_letter_code
_entity_poly.pdbx_strand_id
1 'polypeptide(L)'
;SATQSKPTPVKPNYALKFTLAGHTKAVSSVKFSPNGEWLASSSADKLIKIWGAYDGKFEKTISGHKLGISDVAWSSDSNL
LVSASDDKTLKIWDVSSGKCLKTLKGHSNYVFCCNFNPQSNLIVSGSFDESVRIWDVKTGKCLKTLPAHSDPVSAVHFNR
DGSLIVSSSYDGLCRIWDTASGQCLKTLIDDDNPPVSFVKFSPNGKYILAATLDNTLKLWDYSKGKCLKTYTGHKNEKYC
IFANFSVTGGKWIVSGSEDNLVYIWNLQTKEIVQKLQGHTDVVISTACHPTENIIASAALENDKTIKLWKSDC
;
A
2 'polypeptide(L)' EEIDVVSV B
#
loop_
_chem_comp.id
_chem_comp.type
_chem_comp.name
_chem_comp.formula
EDO non-polymer 1,2-ETHANEDIOL 'C2 H6 O2'
TRS non-polymer 2-AMINO-2-HYDROXYMETHYL-PROPANE-1,3-DIOL 'C4 H12 N O3 1'
#
# COMPACT_ATOMS: atom_id res chain seq x y z
N VAL A 10 -5.54 5.02 -25.54
CA VAL A 10 -4.20 5.46 -25.20
C VAL A 10 -4.24 6.32 -23.95
N LYS A 11 -5.44 6.72 -23.55
CA LYS A 11 -5.62 7.52 -22.33
C LYS A 11 -6.89 7.11 -21.57
N PRO A 12 -6.77 6.92 -20.25
CA PRO A 12 -7.98 6.59 -19.48
C PRO A 12 -8.83 7.85 -19.30
N ASN A 13 -10.08 7.67 -18.86
CA ASN A 13 -10.97 8.82 -18.65
C ASN A 13 -11.65 8.75 -17.29
N TYR A 14 -10.86 8.51 -16.24
CA TYR A 14 -11.38 8.42 -14.88
C TYR A 14 -12.18 9.65 -14.48
N ALA A 15 -13.36 9.44 -13.92
CA ALA A 15 -14.21 10.55 -13.48
C ALA A 15 -14.80 10.20 -12.12
N LEU A 16 -14.99 11.22 -11.29
CA LEU A 16 -15.48 11.03 -9.93
C LEU A 16 -16.89 10.46 -9.94
N LYS A 17 -17.10 9.36 -9.23
CA LYS A 17 -18.42 8.76 -9.12
C LYS A 17 -18.97 8.85 -7.71
N PHE A 18 -18.12 8.62 -6.71
CA PHE A 18 -18.57 8.68 -5.33
C PHE A 18 -17.55 9.31 -4.40
N THR A 19 -18.04 10.03 -3.40
CA THR A 19 -17.21 10.54 -2.31
C THR A 19 -17.69 9.96 -1.00
N LEU A 20 -16.76 9.34 -0.27
CA LEU A 20 -17.09 8.59 0.92
C LEU A 20 -16.62 9.35 2.16
N ALA A 21 -17.57 9.89 2.92
CA ALA A 21 -17.25 10.67 4.10
C ALA A 21 -17.62 9.91 5.37
N GLY A 22 -16.79 10.03 6.40
CA GLY A 22 -17.12 9.40 7.68
C GLY A 22 -15.98 9.38 8.70
N HIS A 23 -14.75 9.23 8.22
CA HIS A 23 -13.60 9.33 9.11
C HIS A 23 -13.51 10.77 9.66
N THR A 24 -13.07 10.89 10.91
CA THR A 24 -13.05 12.19 11.57
C THR A 24 -11.63 12.72 11.73
N LYS A 25 -10.66 11.95 11.24
CA LYS A 25 -9.29 12.41 11.12
C LYS A 25 -8.77 11.94 9.76
N ALA A 26 -7.52 12.27 9.46
CA ALA A 26 -6.88 11.88 8.20
C ALA A 26 -7.07 10.39 7.91
N VAL A 27 -7.33 10.08 6.65
CA VAL A 27 -7.37 8.70 6.22
C VAL A 27 -5.91 8.32 5.94
N SER A 28 -5.53 7.06 6.15
CA SER A 28 -4.13 6.66 5.95
C SER A 28 -3.95 5.66 4.81
N SER A 29 -4.99 4.87 4.55
N SER A 29 -4.97 4.84 4.58
CA SER A 29 -4.88 3.81 3.55
CA SER A 29 -4.88 3.86 3.50
C SER A 29 -6.24 3.29 3.10
C SER A 29 -6.26 3.38 3.07
N VAL A 30 -6.34 2.95 1.81
CA VAL A 30 -7.54 2.31 1.27
C VAL A 30 -7.10 1.08 0.49
N LYS A 31 -7.85 -0.02 0.62
CA LYS A 31 -7.54 -1.27 -0.07
C LYS A 31 -8.81 -1.95 -0.55
N PHE A 32 -8.84 -2.38 -1.81
CA PHE A 32 -9.97 -3.18 -2.32
C PHE A 32 -9.83 -4.65 -1.90
N SER A 33 -10.93 -5.28 -1.52
CA SER A 33 -10.91 -6.70 -1.23
C SER A 33 -10.55 -7.47 -2.51
N PRO A 34 -9.84 -8.61 -2.35
CA PRO A 34 -9.47 -9.39 -3.54
C PRO A 34 -10.69 -9.85 -4.35
N ASN A 35 -11.85 -10.04 -3.70
CA ASN A 35 -13.02 -10.45 -4.45
C ASN A 35 -13.73 -9.25 -5.08
N GLY A 36 -13.17 -8.06 -4.85
CA GLY A 36 -13.65 -6.86 -5.53
C GLY A 36 -14.93 -6.25 -4.99
N GLU A 37 -15.49 -6.83 -3.94
CA GLU A 37 -16.78 -6.38 -3.41
C GLU A 37 -16.68 -5.19 -2.47
N TRP A 38 -15.54 -5.06 -1.80
CA TRP A 38 -15.42 -4.13 -0.69
C TRP A 38 -14.19 -3.24 -0.78
N LEU A 39 -14.30 -2.06 -0.16
CA LEU A 39 -13.15 -1.20 0.13
C LEU A 39 -12.97 -1.05 1.64
N ALA A 40 -11.75 -1.25 2.12
CA ALA A 40 -11.44 -1.00 3.52
C ALA A 40 -10.56 0.24 3.65
N SER A 41 -10.81 1.02 4.70
CA SER A 41 -10.05 2.24 4.93
C SER A 41 -9.58 2.31 6.37
N SER A 42 -8.42 2.90 6.59
CA SER A 42 -7.87 3.08 7.93
C SER A 42 -7.61 4.56 8.14
N SER A 43 -7.59 4.99 9.39
CA SER A 43 -7.50 6.41 9.68
C SER A 43 -6.79 6.70 10.99
N ALA A 44 -6.30 7.93 11.11
CA ALA A 44 -5.77 8.43 12.37
C ALA A 44 -6.83 8.46 13.47
N ASP A 45 -8.11 8.33 13.09
CA ASP A 45 -9.19 8.34 14.08
C ASP A 45 -9.35 6.99 14.81
N LYS A 46 -8.40 6.10 14.60
CA LYS A 46 -8.31 4.77 15.26
C LYS A 46 -9.27 3.75 14.70
N LEU A 47 -9.95 4.09 13.60
CA LEU A 47 -10.98 3.20 13.07
C LEU A 47 -10.65 2.59 11.71
N ILE A 48 -11.24 1.43 11.49
CA ILE A 48 -11.32 0.82 10.16
C ILE A 48 -12.76 0.97 9.68
N LYS A 49 -12.96 1.38 8.43
CA LYS A 49 -14.30 1.39 7.88
C LYS A 49 -14.35 0.56 6.60
N ILE A 50 -15.50 -0.08 6.38
CA ILE A 50 -15.75 -0.89 5.19
C ILE A 50 -16.82 -0.23 4.34
N TRP A 51 -16.60 -0.20 3.03
CA TRP A 51 -17.51 0.45 2.08
C TRP A 51 -17.73 -0.49 0.89
N GLY A 52 -18.88 -0.36 0.24
CA GLY A 52 -19.11 -1.07 -1.00
C GLY A 52 -18.17 -0.55 -2.09
N ALA A 53 -17.50 -1.45 -2.79
CA ALA A 53 -16.48 -1.04 -3.77
C ALA A 53 -17.08 -0.39 -5.01
N TYR A 54 -18.32 -0.73 -5.34
CA TYR A 54 -18.92 -0.24 -6.57
C TYR A 54 -19.85 0.96 -6.37
N ASP A 55 -20.42 1.09 -5.17
CA ASP A 55 -21.36 2.18 -4.94
C ASP A 55 -20.94 3.11 -3.79
N GLY A 56 -19.81 2.80 -3.16
CA GLY A 56 -19.33 3.60 -2.05
C GLY A 56 -20.23 3.60 -0.82
N LYS A 57 -21.17 2.67 -0.77
CA LYS A 57 -22.11 2.62 0.35
C LYS A 57 -21.42 2.18 1.64
N PHE A 58 -21.53 3.00 2.68
CA PHE A 58 -20.92 2.66 3.97
C PHE A 58 -21.46 1.33 4.49
N GLU A 59 -20.56 0.48 4.96
CA GLU A 59 -20.95 -0.86 5.40
C GLU A 59 -20.85 -1.01 6.92
N LYS A 60 -19.67 -0.79 7.49
CA LYS A 60 -19.49 -0.95 8.94
C LYS A 60 -18.21 -0.30 9.43
N THR A 61 -18.14 -0.07 10.73
CA THR A 61 -16.95 0.42 11.39
C THR A 61 -16.36 -0.68 12.26
N ILE A 62 -15.04 -0.82 12.22
CA ILE A 62 -14.34 -1.82 13.00
C ILE A 62 -13.40 -1.12 13.96
N SER A 63 -13.54 -1.42 15.25
CA SER A 63 -12.92 -0.62 16.30
C SER A 63 -12.09 -1.50 17.24
N GLY A 64 -11.12 -0.91 17.92
CA GLY A 64 -10.31 -1.66 18.86
C GLY A 64 -8.90 -1.13 19.11
N HIS A 65 -8.25 -0.61 18.08
CA HIS A 65 -6.90 -0.05 18.26
C HIS A 65 -6.95 1.13 19.23
N LYS A 66 -5.87 1.34 19.97
CA LYS A 66 -5.82 2.36 21.01
C LYS A 66 -5.29 3.69 20.48
N LEU A 67 -4.59 3.64 19.36
CA LEU A 67 -4.10 4.84 18.69
C LEU A 67 -4.38 4.75 17.19
N GLY A 68 -3.94 5.77 16.45
CA GLY A 68 -4.21 5.85 15.03
C GLY A 68 -3.70 4.66 14.23
N ILE A 69 -4.32 4.42 13.08
CA ILE A 69 -3.95 3.31 12.19
C ILE A 69 -3.31 3.82 10.90
N SER A 70 -2.17 3.26 10.51
CA SER A 70 -1.48 3.70 9.30
C SER A 70 -1.79 2.84 8.07
N ASP A 71 -2.19 1.58 8.27
CA ASP A 71 -2.29 0.67 7.14
C ASP A 71 -3.28 -0.44 7.43
N VAL A 72 -3.93 -0.95 6.39
CA VAL A 72 -4.80 -2.11 6.51
CA VAL A 72 -4.79 -2.13 6.51
C VAL A 72 -4.55 -3.02 5.31
N ALA A 73 -4.85 -4.30 5.44
CA ALA A 73 -4.65 -5.24 4.33
C ALA A 73 -5.58 -6.44 4.42
N TRP A 74 -6.01 -6.94 3.26
CA TRP A 74 -6.95 -8.05 3.18
C TRP A 74 -6.26 -9.40 3.04
N SER A 75 -6.87 -10.43 3.59
CA SER A 75 -6.47 -11.81 3.30
C SER A 75 -6.96 -12.18 1.90
N SER A 76 -6.36 -13.19 1.31
CA SER A 76 -6.67 -13.56 -0.08
C SER A 76 -8.14 -13.94 -0.28
N ASP A 77 -8.78 -14.48 0.76
CA ASP A 77 -10.18 -14.90 0.63
C ASP A 77 -11.16 -13.79 1.01
N SER A 78 -10.65 -12.58 1.20
CA SER A 78 -11.47 -11.40 1.55
C SER A 78 -12.21 -11.50 2.90
N ASN A 79 -11.82 -12.45 3.74
CA ASN A 79 -12.54 -12.65 4.99
C ASN A 79 -11.88 -11.98 6.19
N LEU A 80 -10.57 -11.78 6.10
CA LEU A 80 -9.81 -11.20 7.20
C LEU A 80 -9.17 -9.88 6.81
N LEU A 81 -8.94 -9.02 7.79
CA LEU A 81 -8.12 -7.83 7.62
C LEU A 81 -7.01 -7.83 8.65
N VAL A 82 -5.87 -7.24 8.30
CA VAL A 82 -4.87 -6.93 9.30
C VAL A 82 -4.63 -5.42 9.30
N SER A 83 -4.46 -4.85 10.48
CA SER A 83 -4.22 -3.40 10.63
C SER A 83 -2.92 -3.11 11.39
N ALA A 84 -2.26 -2.00 11.04
CA ALA A 84 -1.02 -1.60 11.71
C ALA A 84 -1.20 -0.24 12.38
N SER A 85 -0.89 -0.16 13.67
CA SER A 85 -1.26 1.02 14.44
C SER A 85 -0.12 1.67 15.20
N ASP A 86 -0.31 2.93 15.55
CA ASP A 86 0.61 3.66 16.42
C ASP A 86 0.68 3.06 17.82
N ASP A 87 -0.27 2.20 18.16
CA ASP A 87 -0.25 1.58 19.50
C ASP A 87 0.74 0.41 19.58
N LYS A 88 1.57 0.29 18.54
CA LYS A 88 2.69 -0.65 18.48
C LYS A 88 2.25 -2.09 18.22
N THR A 89 0.97 -2.27 17.90
CA THR A 89 0.44 -3.60 17.62
C THR A 89 -0.12 -3.71 16.21
N LEU A 90 -0.28 -4.94 15.74
CA LEU A 90 -1.18 -5.21 14.63
C LEU A 90 -2.38 -5.97 15.17
N LYS A 91 -3.51 -5.86 14.49
CA LYS A 91 -4.66 -6.68 14.86
C LYS A 91 -5.18 -7.40 13.63
N ILE A 92 -5.62 -8.64 13.84
CA ILE A 92 -6.23 -9.45 12.81
C ILE A 92 -7.73 -9.46 13.07
N TRP A 93 -8.50 -9.13 12.04
CA TRP A 93 -9.94 -8.96 12.17
C TRP A 93 -10.73 -9.92 11.30
N ASP A 94 -11.79 -10.50 11.84
CA ASP A 94 -12.81 -11.15 11.03
C ASP A 94 -13.79 -10.07 10.57
N VAL A 95 -13.80 -9.77 9.27
CA VAL A 95 -14.57 -8.63 8.75
C VAL A 95 -16.07 -8.79 8.98
N SER A 96 -16.60 -9.98 8.70
CA SER A 96 -18.05 -10.20 8.82
C SER A 96 -18.58 -10.03 10.23
N SER A 97 -17.83 -10.52 11.23
CA SER A 97 -18.28 -10.46 12.61
C SER A 97 -17.79 -9.20 13.32
N GLY A 98 -16.75 -8.59 12.77
CA GLY A 98 -16.08 -7.47 13.42
C GLY A 98 -15.11 -7.88 14.52
N LYS A 99 -15.03 -9.18 14.80
CA LYS A 99 -14.19 -9.70 15.88
C LYS A 99 -12.70 -9.46 15.67
N CYS A 100 -12.02 -9.03 16.72
CA CYS A 100 -10.55 -9.02 16.73
C CYS A 100 -10.05 -10.41 17.10
N LEU A 101 -9.43 -11.10 16.15
CA LEU A 101 -9.02 -12.49 16.36
C LEU A 101 -7.67 -12.61 17.07
N LYS A 102 -6.76 -11.71 16.77
CA LYS A 102 -5.44 -11.71 17.38
C LYS A 102 -4.92 -10.29 17.49
N THR A 103 -4.13 -10.03 18.52
CA THR A 103 -3.35 -8.80 18.58
C THR A 103 -1.88 -9.17 18.53
N LEU A 104 -1.16 -8.64 17.55
CA LEU A 104 0.24 -9.03 17.32
C LEU A 104 1.16 -8.05 18.05
N LYS A 105 1.84 -8.56 19.06
CA LYS A 105 2.68 -7.73 19.91
C LYS A 105 4.16 -8.11 19.76
N GLY A 106 5.02 -7.10 19.75
CA GLY A 106 6.45 -7.34 19.58
C GLY A 106 7.21 -6.14 19.09
N HIS A 107 6.62 -5.39 18.15
CA HIS A 107 7.25 -4.16 17.70
C HIS A 107 7.38 -3.20 18.88
N SER A 108 8.45 -2.42 18.89
CA SER A 108 8.73 -1.53 20.01
C SER A 108 8.39 -0.08 19.68
N ASN A 109 7.79 0.14 18.52
CA ASN A 109 7.32 1.47 18.12
C ASN A 109 6.19 1.33 17.10
N TYR A 110 5.74 2.46 16.56
CA TYR A 110 4.58 2.47 15.64
C TYR A 110 4.73 1.45 14.53
N VAL A 111 3.67 0.68 14.29
CA VAL A 111 3.63 -0.19 13.12
C VAL A 111 3.06 0.63 11.96
N PHE A 112 3.79 0.68 10.84
N PHE A 112 3.82 0.73 10.87
CA PHE A 112 3.50 1.61 9.77
CA PHE A 112 3.45 1.62 9.76
C PHE A 112 2.95 0.94 8.52
C PHE A 112 2.78 0.88 8.61
N CYS A 113 3.16 -0.37 8.38
CA CYS A 113 2.74 -1.06 7.18
C CYS A 113 2.56 -2.56 7.41
N CYS A 114 1.66 -3.18 6.64
CA CYS A 114 1.37 -4.59 6.82
C CYS A 114 0.80 -5.25 5.57
N ASN A 115 0.89 -6.58 5.52
CA ASN A 115 0.39 -7.36 4.38
C ASN A 115 0.28 -8.84 4.70
N PHE A 116 -0.75 -9.49 4.17
CA PHE A 116 -0.81 -10.95 4.13
C PHE A 116 0.05 -11.45 2.98
N ASN A 117 0.56 -12.68 3.10
CA ASN A 117 1.13 -13.35 1.94
C ASN A 117 -0.05 -13.94 1.17
N PRO A 118 0.17 -14.33 -0.10
CA PRO A 118 -0.95 -14.85 -0.89
C PRO A 118 -1.65 -16.05 -0.25
N GLN A 119 -0.90 -16.88 0.41
CA GLN A 119 -1.45 -18.04 1.06
C GLN A 119 -2.26 -17.57 2.27
N SER A 120 -1.90 -16.41 2.79
CA SER A 120 -2.53 -15.77 3.95
C SER A 120 -2.36 -16.55 5.24
N ASN A 121 -1.32 -17.36 5.32
CA ASN A 121 -0.95 -17.98 6.59
C ASN A 121 0.06 -17.11 7.32
N LEU A 122 0.63 -16.13 6.60
CA LEU A 122 1.62 -15.23 7.18
C LEU A 122 1.22 -13.77 7.05
N ILE A 123 1.70 -12.95 7.99
CA ILE A 123 1.60 -11.50 7.90
C ILE A 123 3.01 -10.91 7.98
N VAL A 124 3.28 -9.89 7.17
CA VAL A 124 4.52 -9.14 7.27
C VAL A 124 4.17 -7.74 7.76
N SER A 125 5.03 -7.16 8.59
CA SER A 125 4.83 -5.81 9.11
C SER A 125 6.15 -5.04 9.10
N GLY A 126 6.04 -3.72 9.00
CA GLY A 126 7.19 -2.84 9.08
C GLY A 126 6.92 -1.75 10.11
N SER A 127 7.96 -1.28 10.78
CA SER A 127 7.76 -0.41 11.93
C SER A 127 8.74 0.76 11.99
N PHE A 128 8.40 1.79 12.76
N PHE A 128 8.38 1.78 12.75
CA PHE A 128 9.35 2.87 13.03
CA PHE A 128 9.28 2.88 13.11
C PHE A 128 10.51 2.37 13.89
C PHE A 128 10.53 2.31 13.78
N ASP A 129 10.40 1.13 14.41
CA ASP A 129 11.51 0.52 15.15
C ASP A 129 12.56 -0.10 14.22
N GLU A 130 12.37 0.11 12.92
CA GLU A 130 13.36 -0.19 11.88
C GLU A 130 13.44 -1.68 11.52
N SER A 131 12.56 -2.48 12.11
CA SER A 131 12.52 -3.91 11.85
C SER A 131 11.36 -4.31 10.94
N VAL A 132 11.52 -5.45 10.28
CA VAL A 132 10.44 -6.13 9.58
C VAL A 132 10.16 -7.41 10.35
N ARG A 133 8.90 -7.67 10.66
N ARG A 133 8.90 -7.68 10.66
CA ARG A 133 8.54 -8.89 11.36
CA ARG A 133 8.55 -8.90 11.36
C ARG A 133 7.62 -9.78 10.51
C ARG A 133 7.60 -9.77 10.54
N ILE A 134 7.76 -11.09 10.70
CA ILE A 134 6.94 -12.07 10.00
C ILE A 134 6.13 -12.82 11.04
N TRP A 135 4.81 -12.83 10.87
CA TRP A 135 3.92 -13.38 11.89
C TRP A 135 3.11 -14.56 11.39
N ASP A 136 2.82 -15.49 12.29
CA ASP A 136 1.92 -16.60 11.99
C ASP A 136 0.48 -16.16 12.24
N VAL A 137 -0.35 -16.22 11.19
CA VAL A 137 -1.73 -15.72 11.28
C VAL A 137 -2.54 -16.51 12.31
N LYS A 138 -2.35 -17.82 12.34
CA LYS A 138 -3.15 -18.69 13.20
C LYS A 138 -2.90 -18.48 14.68
N THR A 139 -1.64 -18.35 15.08
CA THR A 139 -1.29 -18.29 16.49
C THR A 139 -1.03 -16.86 16.98
N GLY A 140 -0.76 -15.95 16.05
CA GLY A 140 -0.44 -14.58 16.41
C GLY A 140 1.00 -14.37 16.85
N LYS A 141 1.80 -15.42 16.77
CA LYS A 141 3.17 -15.32 17.25
C LYS A 141 4.13 -14.83 16.18
N CYS A 142 5.11 -14.06 16.61
CA CYS A 142 6.15 -13.57 15.72
C CYS A 142 7.11 -14.70 15.37
N LEU A 143 7.22 -14.99 14.07
CA LEU A 143 8.10 -16.07 13.61
C LEU A 143 9.53 -15.58 13.42
N LYS A 144 9.68 -14.43 12.76
CA LYS A 144 11.01 -13.88 12.50
C LYS A 144 11.03 -12.38 12.71
N THR A 145 12.17 -11.87 13.17
CA THR A 145 12.39 -10.43 13.23
C THR A 145 13.62 -10.11 12.40
N LEU A 146 13.42 -9.32 11.34
CA LEU A 146 14.50 -9.01 10.42
C LEU A 146 15.10 -7.65 10.75
N PRO A 147 16.43 -7.61 10.93
CA PRO A 147 17.13 -6.34 11.16
C PRO A 147 17.19 -5.54 9.86
N ALA A 148 16.03 -5.16 9.35
CA ALA A 148 15.89 -4.82 7.94
C ALA A 148 16.54 -3.51 7.53
N HIS A 149 16.42 -2.49 8.38
CA HIS A 149 16.80 -1.15 7.98
C HIS A 149 17.39 -0.35 9.14
N SER A 150 17.91 0.84 8.85
CA SER A 150 18.52 1.67 9.87
C SER A 150 17.72 2.96 10.06
N ASP A 151 16.47 2.91 9.60
CA ASP A 151 15.50 4.01 9.75
C ASP A 151 14.08 3.39 9.68
N PRO A 152 13.04 4.18 9.96
CA PRO A 152 11.69 3.59 9.88
C PRO A 152 11.38 2.87 8.57
N VAL A 153 10.62 1.79 8.67
CA VAL A 153 10.24 1.00 7.52
C VAL A 153 8.90 1.53 6.99
N SER A 154 8.86 1.89 5.71
CA SER A 154 7.70 2.59 5.13
C SER A 154 6.71 1.68 4.42
N ALA A 155 7.17 0.57 3.85
CA ALA A 155 6.28 -0.38 3.18
C ALA A 155 6.83 -1.80 3.23
N VAL A 156 5.94 -2.79 3.18
CA VAL A 156 6.30 -4.20 3.09
C VAL A 156 5.28 -4.90 2.20
N HIS A 157 5.73 -5.83 1.36
CA HIS A 157 4.85 -6.49 0.39
C HIS A 157 5.40 -7.87 -0.02
N PHE A 158 4.54 -8.89 -0.06
CA PHE A 158 4.95 -10.21 -0.56
C PHE A 158 4.83 -10.24 -2.07
N ASN A 159 5.60 -11.11 -2.71
CA ASN A 159 5.49 -11.28 -4.12
C ASN A 159 4.39 -12.30 -4.41
N ARG A 160 4.09 -12.52 -5.67
CA ARG A 160 3.01 -13.38 -6.03
C ARG A 160 2.91 -14.75 -5.43
N ASP A 161 4.03 -15.37 -5.11
CA ASP A 161 4.01 -16.69 -4.54
C ASP A 161 4.41 -16.68 -3.10
N GLY A 162 4.61 -15.50 -2.58
CA GLY A 162 4.98 -15.37 -1.20
C GLY A 162 6.38 -15.82 -0.83
N SER A 163 7.21 -16.09 -1.80
CA SER A 163 8.55 -16.54 -1.50
C SER A 163 9.44 -15.37 -1.16
N LEU A 164 9.03 -14.19 -1.55
CA LEU A 164 9.84 -12.98 -1.35
C LEU A 164 9.07 -11.87 -0.65
N ILE A 165 9.81 -11.04 0.09
CA ILE A 165 9.28 -9.84 0.72
C ILE A 165 10.12 -8.68 0.24
N VAL A 166 9.48 -7.59 -0.19
CA VAL A 166 10.24 -6.38 -0.45
C VAL A 166 9.88 -5.37 0.63
N SER A 167 10.89 -4.67 1.14
CA SER A 167 10.70 -3.65 2.16
C SER A 167 11.37 -2.36 1.71
N SER A 168 10.89 -1.23 2.22
CA SER A 168 11.49 0.06 1.93
C SER A 168 11.62 0.85 3.22
N SER A 169 12.50 1.84 3.22
CA SER A 169 12.77 2.60 4.43
C SER A 169 13.26 4.00 4.14
N TYR A 170 13.10 4.87 5.15
CA TYR A 170 13.68 6.20 5.11
C TYR A 170 15.20 6.16 4.98
N ASP A 171 15.80 4.99 5.18
CA ASP A 171 17.26 4.91 5.07
C ASP A 171 17.70 4.90 3.60
N GLY A 172 16.72 4.94 2.69
CA GLY A 172 17.01 5.07 1.27
C GLY A 172 17.10 3.76 0.51
N LEU A 173 16.90 2.65 1.21
CA LEU A 173 17.03 1.34 0.60
C LEU A 173 15.70 0.64 0.32
N CYS A 174 15.68 -0.14 -0.77
CA CYS A 174 14.72 -1.22 -0.95
C CYS A 174 15.46 -2.53 -0.74
N ARG A 175 14.91 -3.42 0.08
CA ARG A 175 15.54 -4.73 0.27
C ARG A 175 14.55 -5.85 -0.01
N ILE A 176 15.06 -6.93 -0.61
CA ILE A 176 14.24 -8.09 -0.92
C ILE A 176 14.72 -9.26 -0.06
N TRP A 177 13.77 -9.90 0.60
CA TRP A 177 14.02 -10.90 1.61
C TRP A 177 13.44 -12.25 1.23
N ASP A 178 14.19 -13.32 1.50
CA ASP A 178 13.67 -14.67 1.36
C ASP A 178 12.73 -14.97 2.54
N THR A 179 11.47 -15.23 2.25
CA THR A 179 10.47 -15.43 3.30
C THR A 179 10.83 -16.59 4.23
N ALA A 180 11.27 -17.70 3.65
CA ALA A 180 11.59 -18.90 4.41
C ALA A 180 12.80 -18.74 5.33
N SER A 181 13.89 -18.17 4.81
CA SER A 181 15.14 -18.12 5.55
C SER A 181 15.32 -16.83 6.33
N GLY A 182 14.67 -15.77 5.86
CA GLY A 182 14.84 -14.46 6.47
C GLY A 182 16.07 -13.74 5.97
N GLN A 183 16.78 -14.35 5.02
CA GLN A 183 17.99 -13.76 4.46
C GLN A 183 17.70 -12.62 3.50
N CYS A 184 18.52 -11.57 3.60
CA CYS A 184 18.46 -10.47 2.66
C CYS A 184 19.09 -10.90 1.34
N LEU A 185 18.28 -10.92 0.29
CA LEU A 185 18.75 -11.42 -1.01
C LEU A 185 19.26 -10.30 -1.89
N LYS A 186 18.78 -9.07 -1.65
CA LYS A 186 19.14 -7.99 -2.54
C LYS A 186 18.89 -6.62 -1.90
N THR A 187 19.79 -5.70 -2.18
CA THR A 187 19.65 -4.32 -1.77
C THR A 187 19.71 -3.42 -3.00
N LEU A 188 18.64 -2.66 -3.23
CA LEU A 188 18.55 -1.81 -4.40
C LEU A 188 19.11 -0.42 -4.10
N ILE A 189 20.11 -0.05 -4.88
CA ILE A 189 20.87 1.18 -4.73
C ILE A 189 20.87 1.91 -6.06
N ASP A 190 20.42 3.15 -6.08
CA ASP A 190 20.41 3.96 -7.29
C ASP A 190 21.64 4.87 -7.28
N ASP A 191 21.63 5.90 -8.12
CA ASP A 191 22.70 6.88 -8.15
C ASP A 191 22.68 7.72 -6.88
N ASP A 192 21.52 7.79 -6.24
CA ASP A 192 21.36 8.46 -4.97
C ASP A 192 20.40 7.66 -4.09
N ASN A 193 20.35 7.96 -2.78
CA ASN A 193 19.46 7.23 -1.88
C ASN A 193 18.54 8.12 -1.02
N PRO A 194 17.65 8.88 -1.67
CA PRO A 194 16.65 9.60 -0.88
C PRO A 194 15.73 8.63 -0.14
N PRO A 195 15.07 9.08 0.95
CA PRO A 195 14.15 8.19 1.67
C PRO A 195 13.17 7.50 0.74
N VAL A 196 13.04 6.19 0.88
CA VAL A 196 12.02 5.44 0.13
C VAL A 196 10.77 5.37 0.97
N SER A 197 9.67 5.89 0.43
CA SER A 197 8.44 6.09 1.19
C SER A 197 7.37 5.06 0.84
N PHE A 198 7.66 4.22 -0.13
CA PHE A 198 6.71 3.22 -0.61
C PHE A 198 7.37 2.21 -1.54
N VAL A 199 6.91 0.97 -1.50
CA VAL A 199 7.40 -0.05 -2.43
C VAL A 199 6.38 -1.17 -2.57
N LYS A 200 6.33 -1.79 -3.74
CA LYS A 200 5.47 -2.94 -3.96
C LYS A 200 5.87 -3.70 -5.23
N PHE A 201 5.62 -5.00 -5.23
CA PHE A 201 5.87 -5.83 -6.41
C PHE A 201 4.83 -5.60 -7.50
N SER A 202 5.23 -5.85 -8.74
CA SER A 202 4.30 -5.92 -9.85
C SER A 202 3.42 -7.15 -9.68
N PRO A 203 2.28 -7.20 -10.39
CA PRO A 203 1.43 -8.40 -10.31
C PRO A 203 2.16 -9.71 -10.59
N ASN A 204 3.09 -9.73 -11.56
CA ASN A 204 3.81 -10.96 -11.87
C ASN A 204 5.06 -11.13 -10.99
N GLY A 205 5.33 -10.13 -10.15
CA GLY A 205 6.46 -10.19 -9.24
C GLY A 205 7.82 -9.98 -9.86
N LYS A 206 7.83 -9.65 -11.15
CA LYS A 206 9.09 -9.45 -11.86
C LYS A 206 9.68 -8.06 -11.62
N TYR A 207 8.81 -7.10 -11.30
CA TYR A 207 9.27 -5.72 -11.17
C TYR A 207 8.89 -5.12 -9.82
N ILE A 208 9.57 -4.04 -9.46
CA ILE A 208 9.35 -3.38 -8.18
C ILE A 208 9.11 -1.88 -8.41
N LEU A 209 7.99 -1.38 -7.91
CA LEU A 209 7.68 0.04 -7.99
C LEU A 209 8.01 0.70 -6.66
N ALA A 210 8.90 1.70 -6.68
CA ALA A 210 9.29 2.36 -5.44
C ALA A 210 9.14 3.87 -5.54
N ALA A 211 8.68 4.49 -4.44
CA ALA A 211 8.56 5.93 -4.39
C ALA A 211 9.61 6.53 -3.46
N THR A 212 10.22 7.63 -3.89
CA THR A 212 11.22 8.31 -3.07
C THR A 212 10.81 9.75 -2.83
N LEU A 213 11.27 10.30 -1.72
CA LEU A 213 10.82 11.63 -1.28
C LEU A 213 11.56 12.75 -1.99
N ASP A 214 11.86 12.52 -3.27
CA ASP A 214 12.36 13.57 -4.15
C ASP A 214 11.44 13.68 -5.35
N ASN A 215 10.14 13.48 -5.11
CA ASN A 215 9.11 13.60 -6.15
C ASN A 215 9.30 12.63 -7.31
N THR A 216 9.69 11.40 -7.01
CA THR A 216 10.00 10.44 -8.06
C THR A 216 9.49 9.03 -7.76
N LEU A 217 8.79 8.43 -8.74
CA LEU A 217 8.53 7.00 -8.72
C LEU A 217 9.51 6.29 -9.65
N LYS A 218 10.02 5.14 -9.23
CA LYS A 218 10.93 4.37 -10.07
C LYS A 218 10.45 2.92 -10.23
N LEU A 219 10.57 2.41 -11.45
CA LEU A 219 10.29 1.00 -11.70
C LEU A 219 11.59 0.20 -11.86
N TRP A 220 11.79 -0.78 -10.98
CA TRP A 220 12.98 -1.60 -10.98
C TRP A 220 12.75 -2.99 -11.55
N ASP A 221 13.69 -3.45 -12.37
CA ASP A 221 13.79 -4.86 -12.74
C ASP A 221 14.46 -5.58 -11.57
N TYR A 222 13.71 -6.44 -10.90
CA TYR A 222 14.19 -7.06 -9.66
C TYR A 222 15.39 -7.98 -9.91
N SER A 223 15.25 -8.90 -10.86
CA SER A 223 16.31 -9.88 -11.12
C SER A 223 17.61 -9.23 -11.59
N LYS A 224 17.49 -8.24 -12.47
CA LYS A 224 18.67 -7.53 -12.97
C LYS A 224 19.13 -6.46 -11.99
N GLY A 225 18.27 -6.15 -11.02
CA GLY A 225 18.57 -5.13 -10.03
C GLY A 225 18.83 -3.76 -10.63
N LYS A 226 18.08 -3.39 -11.67
CA LYS A 226 18.29 -2.10 -12.32
C LYS A 226 17.00 -1.30 -12.51
N CYS A 227 17.13 0.01 -12.36
CA CYS A 227 16.03 0.93 -12.55
C CYS A 227 15.78 1.16 -14.04
N LEU A 228 14.54 0.96 -14.47
CA LEU A 228 14.19 1.02 -15.89
C LEU A 228 13.41 2.29 -16.25
N LYS A 229 12.29 2.51 -15.57
CA LYS A 229 11.43 3.64 -15.87
C LYS A 229 11.38 4.61 -14.70
N THR A 230 11.14 5.88 -14.99
CA THR A 230 10.99 6.89 -13.96
C THR A 230 9.72 7.71 -14.23
N TYR A 231 8.94 7.98 -13.19
CA TYR A 231 7.69 8.73 -13.32
C TYR A 231 7.72 9.98 -12.44
N THR A 232 7.59 11.15 -13.06
CA THR A 232 7.63 12.40 -12.31
CA THR A 232 7.67 12.41 -12.35
C THR A 232 6.54 13.36 -12.77
N GLY A 233 6.52 14.54 -12.17
CA GLY A 233 5.49 15.52 -12.46
C GLY A 233 4.63 15.79 -11.25
N HIS A 234 4.64 14.83 -10.32
CA HIS A 234 3.81 14.92 -9.12
C HIS A 234 4.62 15.51 -7.97
N LYS A 235 4.01 15.70 -6.83
CA LYS A 235 4.72 16.23 -5.70
C LYS A 235 4.72 15.24 -4.52
N ASN A 236 5.90 14.88 -4.07
CA ASN A 236 6.06 13.93 -2.98
C ASN A 236 7.42 14.12 -2.31
N GLU A 237 7.42 14.92 -1.25
CA GLU A 237 8.64 15.24 -0.52
C GLU A 237 8.53 14.93 0.98
N LYS A 238 7.34 14.60 1.46
CA LYS A 238 7.13 14.48 2.90
C LYS A 238 6.41 13.20 3.33
N TYR A 239 5.36 12.84 2.61
CA TYR A 239 4.48 11.76 3.08
C TYR A 239 4.72 10.45 2.38
N CYS A 240 4.38 9.37 3.08
CA CYS A 240 4.42 8.04 2.49
C CYS A 240 3.14 7.80 1.69
N ILE A 241 3.23 8.08 0.40
CA ILE A 241 2.09 8.00 -0.51
C ILE A 241 2.09 6.70 -1.28
N PHE A 242 0.98 5.97 -1.22
CA PHE A 242 0.86 4.67 -1.86
C PHE A 242 0.62 4.79 -3.37
N ALA A 243 1.32 3.97 -4.14
CA ALA A 243 1.17 3.94 -5.60
C ALA A 243 0.81 2.54 -6.10
N ASN A 244 0.44 2.43 -7.37
CA ASN A 244 -0.11 1.19 -7.91
C ASN A 244 0.21 0.95 -9.37
N PHE A 245 0.25 -0.32 -9.76
CA PHE A 245 0.10 -0.70 -11.15
C PHE A 245 -1.40 -0.80 -11.42
N SER A 246 -1.84 -0.21 -12.51
CA SER A 246 -3.23 -0.41 -12.94
C SER A 246 -3.23 -1.24 -14.22
N VAL A 247 -3.83 -2.43 -14.17
CA VAL A 247 -3.70 -3.37 -15.28
C VAL A 247 -5.02 -3.94 -15.78
N THR A 248 -6.14 -3.41 -15.32
CA THR A 248 -7.45 -3.92 -15.76
C THR A 248 -7.81 -3.42 -17.16
N GLY A 249 -7.33 -2.22 -17.50
CA GLY A 249 -7.56 -1.66 -18.81
C GLY A 249 -6.25 -1.49 -19.55
N GLY A 250 -5.86 -0.25 -19.81
CA GLY A 250 -4.51 0.02 -20.26
C GLY A 250 -3.57 -0.17 -19.08
N LYS A 251 -2.27 -0.12 -19.32
CA LYS A 251 -1.30 -0.27 -18.26
C LYS A 251 -0.83 1.09 -17.78
N TRP A 252 -1.23 1.43 -16.57
CA TRP A 252 -0.91 2.73 -15.98
C TRP A 252 -0.16 2.62 -14.65
N ILE A 253 0.47 3.72 -14.26
CA ILE A 253 0.94 3.91 -12.90
C ILE A 253 0.02 4.93 -12.23
N VAL A 254 -0.43 4.62 -11.01
CA VAL A 254 -1.35 5.51 -10.30
C VAL A 254 -0.73 5.92 -8.97
N SER A 255 -0.76 7.21 -8.64
CA SER A 255 -0.24 7.62 -7.34
C SER A 255 -0.95 8.85 -6.78
N GLY A 256 -0.93 8.97 -5.45
CA GLY A 256 -1.36 10.21 -4.82
C GLY A 256 -0.28 11.24 -4.98
N SER A 257 -0.52 12.44 -4.46
CA SER A 257 0.39 13.56 -4.62
C SER A 257 0.11 14.60 -3.54
N GLU A 258 1.14 15.38 -3.16
CA GLU A 258 0.98 16.40 -2.13
C GLU A 258 0.41 17.71 -2.68
N ASP A 259 0.04 17.72 -3.96
CA ASP A 259 -0.74 18.83 -4.52
C ASP A 259 -2.23 18.47 -4.66
N ASN A 260 -2.66 17.46 -3.90
CA ASN A 260 -4.06 17.05 -3.77
C ASN A 260 -4.65 16.36 -5.00
N LEU A 261 -3.79 15.97 -5.94
CA LEU A 261 -4.27 15.33 -7.16
C LEU A 261 -3.90 13.84 -7.20
N VAL A 262 -4.71 13.06 -7.90
CA VAL A 262 -4.33 11.70 -8.27
C VAL A 262 -3.63 11.73 -9.63
N TYR A 263 -2.39 11.27 -9.69
CA TYR A 263 -1.65 11.25 -10.96
C TYR A 263 -1.72 9.89 -11.63
N ILE A 264 -1.87 9.90 -12.95
CA ILE A 264 -1.88 8.67 -13.74
C ILE A 264 -0.89 8.78 -14.89
N TRP A 265 0.02 7.81 -14.97
CA TRP A 265 1.03 7.78 -16.04
C TRP A 265 0.83 6.59 -16.96
N ASN A 266 1.22 6.76 -18.22
CA ASN A 266 1.39 5.62 -19.13
C ASN A 266 2.59 4.84 -18.62
N LEU A 267 2.41 3.55 -18.39
CA LEU A 267 3.47 2.71 -17.83
C LEU A 267 4.71 2.68 -18.72
N GLN A 268 4.51 2.67 -20.03
CA GLN A 268 5.62 2.50 -20.97
C GLN A 268 6.30 3.81 -21.33
N THR A 269 5.52 4.82 -21.70
CA THR A 269 6.08 6.09 -22.18
C THR A 269 6.46 7.03 -21.03
N LYS A 270 5.91 6.76 -19.86
CA LYS A 270 6.14 7.53 -18.63
C LYS A 270 5.51 8.92 -18.68
N GLU A 271 4.62 9.15 -19.64
CA GLU A 271 3.91 10.41 -19.73
C GLU A 271 2.71 10.45 -18.79
N ILE A 272 2.40 11.63 -18.25
CA ILE A 272 1.17 11.82 -17.48
C ILE A 272 -0.02 11.78 -18.42
N VAL A 273 -1.01 10.94 -18.11
CA VAL A 273 -2.19 10.81 -18.97
C VAL A 273 -3.44 11.38 -18.32
N GLN A 274 -3.44 11.47 -16.99
CA GLN A 274 -4.56 12.04 -16.28
C GLN A 274 -4.16 12.59 -14.94
N LYS A 275 -4.87 13.59 -14.50
CA LYS A 275 -4.66 14.15 -13.20
C LYS A 275 -6.07 14.35 -12.66
N LEU A 276 -6.41 13.68 -11.58
CA LEU A 276 -7.74 13.79 -11.03
C LEU A 276 -7.89 14.82 -9.95
N GLN A 277 -8.82 15.74 -10.15
CA GLN A 277 -9.03 16.82 -9.19
C GLN A 277 -10.27 16.56 -8.36
N GLY A 278 -10.20 16.88 -7.07
CA GLY A 278 -11.35 16.73 -6.20
C GLY A 278 -11.01 16.85 -4.74
N HIS A 279 -9.89 16.23 -4.35
CA HIS A 279 -9.48 16.25 -2.95
C HIS A 279 -9.00 17.65 -2.56
N THR A 280 -9.04 17.95 -1.28
CA THR A 280 -8.66 19.27 -0.78
C THR A 280 -7.44 19.20 0.16
N ASP A 281 -6.85 18.02 0.25
CA ASP A 281 -5.59 17.83 0.99
C ASP A 281 -4.78 16.74 0.32
N VAL A 282 -3.58 16.48 0.85
CA VAL A 282 -2.68 15.49 0.29
C VAL A 282 -3.39 14.18 0.04
N VAL A 283 -3.23 13.61 -1.17
CA VAL A 283 -3.74 12.28 -1.44
C VAL A 283 -2.70 11.26 -0.98
N ILE A 284 -2.98 10.62 0.15
CA ILE A 284 -1.99 9.80 0.83
C ILE A 284 -2.01 8.37 0.27
N SER A 285 -3.15 7.98 -0.30
CA SER A 285 -3.34 6.58 -0.68
C SER A 285 -4.21 6.44 -1.92
N THR A 286 -3.82 5.50 -2.77
CA THR A 286 -4.64 5.11 -3.91
C THR A 286 -4.69 3.59 -3.98
N ALA A 287 -5.78 3.09 -4.54
CA ALA A 287 -5.91 1.65 -4.74
C ALA A 287 -6.61 1.41 -6.09
N CYS A 288 -6.25 0.30 -6.73
CA CYS A 288 -6.82 -0.08 -8.01
C CYS A 288 -7.66 -1.34 -7.87
N HIS A 289 -8.88 -1.31 -8.38
CA HIS A 289 -9.81 -2.44 -8.27
C HIS A 289 -9.24 -3.64 -9.02
N PRO A 290 -9.42 -4.86 -8.46
CA PRO A 290 -8.82 -6.06 -9.05
C PRO A 290 -9.34 -6.46 -10.43
N THR A 291 -10.58 -6.11 -10.79
CA THR A 291 -11.12 -6.51 -12.09
C THR A 291 -11.71 -5.37 -12.91
N GLU A 292 -12.14 -4.29 -12.24
CA GLU A 292 -12.75 -3.17 -12.93
C GLU A 292 -11.83 -1.95 -12.95
N ASN A 293 -12.06 -1.06 -13.91
CA ASN A 293 -11.28 0.16 -14.01
C ASN A 293 -11.81 1.16 -12.98
N ILE A 294 -11.46 0.92 -11.72
CA ILE A 294 -11.93 1.74 -10.60
C ILE A 294 -10.75 2.10 -9.72
N ILE A 295 -10.60 3.39 -9.42
CA ILE A 295 -9.58 3.86 -8.50
C ILE A 295 -10.21 4.39 -7.22
N ALA A 296 -9.65 4.00 -6.07
CA ALA A 296 -9.99 4.63 -4.81
C ALA A 296 -8.84 5.53 -4.36
N SER A 297 -9.17 6.72 -3.87
CA SER A 297 -8.17 7.65 -3.36
C SER A 297 -8.58 8.15 -1.98
N ALA A 298 -7.60 8.48 -1.16
CA ALA A 298 -7.89 8.96 0.20
C ALA A 298 -6.97 10.12 0.57
N ALA A 299 -7.48 11.03 1.40
CA ALA A 299 -6.77 12.27 1.69
C ALA A 299 -6.56 12.51 3.18
N LEU A 300 -5.65 13.44 3.49
CA LEU A 300 -5.24 13.73 4.87
C LEU A 300 -6.23 14.65 5.60
N GLU A 301 -5.76 15.23 6.71
CA GLU A 301 -6.62 15.79 7.76
C GLU A 301 -7.60 16.88 7.33
N ASN A 302 -7.20 17.73 6.38
CA ASN A 302 -8.05 18.86 6.01
C ASN A 302 -9.18 18.45 5.07
N ASP A 303 -9.18 17.19 4.67
CA ASP A 303 -10.11 16.67 3.67
C ASP A 303 -10.95 15.54 4.29
N LYS A 304 -10.28 14.42 4.55
CA LYS A 304 -10.80 13.26 5.29
C LYS A 304 -11.76 12.40 4.48
N THR A 305 -11.90 12.66 3.19
CA THR A 305 -12.80 11.85 2.37
C THR A 305 -12.06 10.84 1.49
N ILE A 306 -12.80 9.83 1.05
CA ILE A 306 -12.31 8.83 0.12
C ILE A 306 -13.11 9.03 -1.15
N LYS A 307 -12.46 8.90 -2.31
CA LYS A 307 -13.17 9.07 -3.57
C LYS A 307 -13.02 7.86 -4.47
N LEU A 308 -14.09 7.54 -5.19
CA LEU A 308 -14.10 6.44 -6.16
C LEU A 308 -14.26 7.00 -7.56
N TRP A 309 -13.32 6.66 -8.44
CA TRP A 309 -13.28 7.14 -9.82
C TRP A 309 -13.39 5.96 -10.78
N LYS A 310 -14.07 6.15 -11.88
CA LYS A 310 -14.23 5.08 -12.86
C LYS A 310 -13.88 5.52 -14.30
N SER A 311 -13.35 4.57 -15.04
CA SER A 311 -12.88 4.82 -16.39
C SER A 311 -13.33 3.71 -17.35
N ASP A 312 -13.35 4.02 -18.64
CA ASP A 312 -13.75 3.03 -19.65
C ASP A 312 -12.57 2.17 -20.08
N CYS A 313 -11.36 2.58 -19.71
CA CYS A 313 -10.17 1.79 -20.00
C CYS A 313 -9.10 2.05 -18.94
N GLU B 1 12.12 -3.17 -24.35
CA GLU B 1 11.85 -1.91 -23.70
C GLU B 1 10.41 -1.72 -23.26
N GLU B 2 9.51 -2.52 -23.79
CA GLU B 2 8.12 -2.46 -23.41
C GLU B 2 8.05 -3.46 -22.29
N ILE B 3 7.64 -3.02 -21.11
CA ILE B 3 7.60 -3.90 -19.97
C ILE B 3 6.25 -4.56 -19.79
N ASP B 4 6.28 -5.81 -19.38
CA ASP B 4 5.10 -6.57 -19.11
C ASP B 4 5.04 -6.92 -17.64
N VAL B 5 4.18 -6.24 -16.91
CA VAL B 5 4.05 -6.47 -15.49
C VAL B 5 3.00 -7.47 -15.09
N VAL B 6 2.41 -8.15 -16.07
CA VAL B 6 1.37 -9.09 -15.77
C VAL B 6 1.65 -10.56 -16.05
N SER B 7 2.15 -10.89 -17.22
CA SER B 7 2.36 -12.28 -17.56
C SER B 7 3.36 -12.90 -16.66
N VAL B 8 3.06 -14.09 -16.21
CA VAL B 8 3.97 -14.80 -15.33
C VAL B 8 4.89 -15.76 -16.08
C TRS C . 0.75 4.56 4.33
C1 TRS C . 1.67 3.83 5.30
C2 TRS C . 0.74 6.04 4.72
C3 TRS C . 1.21 4.43 2.88
N TRS C . -0.60 4.04 4.45
O1 TRS C . 1.64 2.45 5.06
O2 TRS C . 0.33 6.12 6.05
O3 TRS C . 0.32 5.22 2.13
C1 EDO D . -1.06 18.86 5.20
O1 EDO D . -2.00 19.58 4.38
C2 EDO D . -1.69 17.57 5.72
O2 EDO D . -2.88 17.86 6.49
#